data_5FTG
#
_entry.id   5FTG
#
_cell.length_a   60.650
_cell.length_b   60.650
_cell.length_c   220.404
_cell.angle_alpha   90.00
_cell.angle_beta   90.00
_cell.angle_gamma   90.00
#
_symmetry.space_group_name_H-M   'P 43 21 2'
#
loop_
_entity.id
_entity.type
_entity.pdbx_description
1 polymer 'CHOLINE KINASE ALPHA'
2 non-polymer 1-[[4-[2-[4-[[4-(dimethylamino)pyridin-1-yl]methyl]phenoxy]ethoxy]phenyl]methyl]-N,N-dimethyl-pyridin-4-amine
3 non-polymer 1,2-ETHANEDIOL
4 water water
#
_entity_poly.entity_id   1
_entity_poly.type   'polypeptide(L)'
_entity_poly.pdbx_seq_one_letter_code
;DEQPEPRTRRRAYLWCKEFLPGAWRGLREDEFHISVIRGGLSNMLFQCSLPDTTATLGDEPRKVLLRLYGAILQMRSCNK
EGSEQAQKENEFQGAEAMVLESVMFAILAERSLGPKLYGIFPQGRLEQFIPSRRLDTEELSLPDISAEIAEKMATFHGMK
MPFNKEPKWLFGTMEKYLKEVLRIKFTEESRIKKLHKLLSYNLPLELENLRSLLESTPSPVVFCHNDCQEGNILLLEGRE
NSEKQKLMLIDFEYSSYNYRGFDIGNHFCEWMYDYSYEKYPFFRANIRKYPTKKQQLHFISSYLPAFQNDFENLSTEEKS
IIKEEMLLEVNRFALASHFLWGLWSIVQAKISSIEFGYMDYAQARFDAYFHQKRKLGV
;
_entity_poly.pdbx_strand_id   A
#
loop_
_chem_comp.id
_chem_comp.type
_chem_comp.name
_chem_comp.formula
EDO non-polymer 1,2-ETHANEDIOL 'C2 H6 O2'
NBR non-polymer 1-[[4-[2-[4-[[4-(dimethylamino)pyridin-1-yl]methyl]phenoxy]ethoxy]phenyl]methyl]-N,N-dimethyl-pyridin-4-amine 'C30 H36 N4 O2 2'
#
# COMPACT_ATOMS: atom_id res chain seq x y z
N ASP A 1 24.23 -5.89 12.13
CA ASP A 1 23.57 -6.56 10.96
C ASP A 1 23.18 -8.00 11.32
N GLU A 2 21.88 -8.27 11.46
CA GLU A 2 21.40 -9.60 11.80
C GLU A 2 21.72 -10.55 10.63
N GLN A 3 22.36 -11.66 10.92
CA GLN A 3 22.77 -12.65 9.90
C GLN A 3 21.63 -13.63 9.74
N PRO A 4 21.35 -14.09 8.51
CA PRO A 4 20.35 -15.06 8.26
C PRO A 4 20.84 -16.45 8.73
N GLU A 5 19.94 -17.39 8.72
CA GLU A 5 20.29 -18.79 8.99
C GLU A 5 21.26 -19.28 7.93
N PRO A 6 22.14 -20.18 8.22
CA PRO A 6 23.06 -20.73 7.24
C PRO A 6 22.43 -21.21 5.97
N ARG A 7 21.30 -21.89 5.99
CA ARG A 7 20.63 -22.35 4.79
C ARG A 7 20.24 -21.19 3.91
N THR A 8 19.74 -20.12 4.53
CA THR A 8 19.31 -18.96 3.82
C THR A 8 20.49 -18.20 3.21
N ARG A 9 21.60 -18.07 3.97
CA ARG A 9 22.81 -17.49 3.41
C ARG A 9 23.23 -18.25 2.15
N ARG A 10 23.25 -19.55 2.20
CA ARG A 10 23.70 -20.33 1.09
C ARG A 10 22.78 -20.19 -0.14
N ARG A 11 21.48 -20.25 0.08
CA ARG A 11 20.59 -20.07 -1.03
C ARG A 11 20.69 -18.69 -1.63
N ALA A 12 20.79 -17.66 -0.78
CA ALA A 12 20.92 -16.30 -1.26
C ALA A 12 22.16 -16.11 -2.08
N TYR A 13 23.27 -16.67 -1.63
CA TYR A 13 24.52 -16.62 -2.37
C TYR A 13 24.31 -17.19 -3.77
N LEU A 14 23.68 -18.37 -3.82
CA LEU A 14 23.46 -19.04 -5.13
C LEU A 14 22.56 -18.23 -6.05
N TRP A 15 21.52 -17.63 -5.51
CA TRP A 15 20.62 -16.84 -6.31
C TRP A 15 21.31 -15.62 -6.83
N CYS A 16 22.10 -14.96 -5.99
CA CYS A 16 22.86 -13.82 -6.46
C CYS A 16 23.88 -14.15 -7.51
N LYS A 17 24.63 -15.22 -7.28
CA LYS A 17 25.72 -15.64 -8.15
C LYS A 17 25.16 -16.03 -9.53
N GLU A 18 24.00 -16.57 -9.57
CA GLU A 18 23.47 -17.10 -10.85
C GLU A 18 22.61 -16.08 -11.53
N PHE A 19 21.90 -15.19 -10.84
CA PHE A 19 20.98 -14.25 -11.50
C PHE A 19 21.58 -12.87 -11.74
N LEU A 20 22.68 -12.52 -11.09
CA LEU A 20 23.34 -11.20 -11.28
C LEU A 20 24.56 -11.35 -12.14
N PRO A 21 24.78 -10.40 -13.06
CA PRO A 21 25.93 -10.46 -13.95
C PRO A 21 27.19 -9.88 -13.35
N GLY A 22 28.27 -9.97 -14.12
CA GLY A 22 29.43 -9.20 -13.78
C GLY A 22 30.19 -9.92 -12.67
N ALA A 23 30.60 -9.13 -11.66
CA ALA A 23 31.39 -9.69 -10.58
C ALA A 23 30.70 -10.75 -9.76
N TRP A 24 29.38 -10.73 -9.74
CA TRP A 24 28.64 -11.69 -8.95
C TRP A 24 28.83 -13.12 -9.42
N ARG A 25 29.07 -13.24 -10.73
CA ARG A 25 29.14 -14.57 -11.32
C ARG A 25 30.35 -15.34 -10.81
N GLY A 26 31.41 -14.67 -10.40
CA GLY A 26 32.60 -15.24 -9.83
C GLY A 26 32.84 -15.05 -8.35
N LEU A 27 31.84 -14.54 -7.65
CA LEU A 27 32.01 -14.21 -6.27
C LEU A 27 32.23 -15.48 -5.35
N ARG A 28 33.20 -15.39 -4.45
CA ARG A 28 33.42 -16.42 -3.42
C ARG A 28 32.34 -16.33 -2.36
N GLU A 29 31.81 -17.46 -1.95
CA GLU A 29 30.90 -17.47 -0.82
C GLU A 29 31.42 -16.79 0.44
N ASP A 30 32.71 -16.96 0.75
CA ASP A 30 33.21 -16.34 1.96
C ASP A 30 33.37 -14.84 1.89
N GLU A 31 33.06 -14.23 0.75
CA GLU A 31 33.12 -12.78 0.61
C GLU A 31 31.70 -12.25 0.35
N PHE A 32 30.68 -13.11 0.38
CA PHE A 32 29.30 -12.64 0.20
C PHE A 32 28.75 -12.04 1.46
N HIS A 33 28.12 -10.87 1.34
CA HIS A 33 27.54 -10.18 2.48
C HIS A 33 26.06 -10.20 2.44
N ILE A 34 25.39 -10.56 3.50
CA ILE A 34 23.97 -10.61 3.61
C ILE A 34 23.54 -10.22 5.00
N SER A 35 22.51 -9.39 5.09
CA SER A 35 21.89 -9.13 6.40
C SER A 35 20.40 -9.11 6.31
N VAL A 36 19.75 -9.43 7.42
CA VAL A 36 18.31 -9.46 7.44
C VAL A 36 17.73 -8.06 7.59
N ILE A 37 16.80 -7.73 6.71
CA ILE A 37 16.03 -6.48 6.80
C ILE A 37 14.72 -6.76 7.54
N ARG A 38 14.03 -7.84 7.22
CA ARG A 38 12.76 -8.20 7.86
C ARG A 38 12.64 -9.69 7.93
N GLY A 39 12.46 -10.21 9.14
CA GLY A 39 12.32 -11.64 9.33
C GLY A 39 10.86 -12.09 9.29
N GLY A 40 10.57 -13.25 9.85
CA GLY A 40 9.20 -13.75 9.79
C GLY A 40 9.16 -15.05 9.06
N LEU A 41 7.96 -15.59 8.83
CA LEU A 41 7.80 -16.81 8.10
C LEU A 41 7.38 -16.58 6.63
N SER A 42 6.93 -15.35 6.33
CA SER A 42 6.53 -14.98 4.98
C SER A 42 7.10 -13.65 4.63
N ASN A 43 7.43 -13.49 3.35
CA ASN A 43 7.90 -12.23 2.83
C ASN A 43 9.08 -11.62 3.59
N MET A 44 10.07 -12.49 3.80
CA MET A 44 11.27 -12.09 4.46
C MET A 44 12.17 -11.27 3.50
N LEU A 45 12.87 -10.30 4.04
CA LEU A 45 13.69 -9.39 3.22
C LEU A 45 15.11 -9.33 3.68
N PHE A 46 16.06 -9.33 2.72
CA PHE A 46 17.47 -9.35 3.04
C PHE A 46 18.18 -8.41 2.12
N GLN A 47 19.26 -7.81 2.58
CA GLN A 47 20.16 -7.10 1.71
C GLN A 47 21.35 -7.94 1.46
N CYS A 48 21.73 -7.98 0.19
CA CYS A 48 22.86 -8.80 -0.26
C CYS A 48 23.83 -7.95 -1.03
N SER A 49 25.13 -8.08 -0.78
N SER A 49 25.12 -8.13 -0.81
CA SER A 49 26.09 -7.26 -1.45
CA SER A 49 26.12 -7.23 -1.30
C SER A 49 27.42 -7.90 -1.70
C SER A 49 27.44 -7.90 -1.67
N LEU A 50 28.09 -7.36 -2.71
CA LEU A 50 29.49 -7.60 -2.96
C LEU A 50 30.34 -7.08 -1.82
N PRO A 51 31.50 -7.69 -1.63
CA PRO A 51 32.44 -7.11 -0.69
C PRO A 51 33.00 -5.82 -1.30
N ASP A 52 33.46 -4.94 -0.40
CA ASP A 52 34.04 -3.70 -0.90
C ASP A 52 35.32 -3.91 -1.70
N THR A 53 35.99 -5.03 -1.51
CA THR A 53 37.20 -5.37 -2.21
C THR A 53 37.03 -5.98 -3.63
N THR A 54 35.75 -6.17 -4.05
CA THR A 54 35.44 -6.59 -5.40
C THR A 54 34.93 -5.45 -6.26
N ALA A 55 35.58 -5.22 -7.40
CA ALA A 55 35.16 -4.18 -8.30
C ALA A 55 33.96 -4.62 -9.17
N THR A 56 33.06 -3.69 -9.44
CA THR A 56 32.00 -3.77 -10.46
C THR A 56 32.72 -3.99 -11.83
N LEU A 57 32.27 -4.92 -12.68
CA LEU A 57 32.84 -5.06 -14.00
C LEU A 57 32.11 -4.27 -15.03
N GLY A 58 30.81 -4.10 -14.89
CA GLY A 58 29.97 -3.37 -15.84
C GLY A 58 28.94 -2.55 -15.07
N ASP A 59 27.66 -2.76 -15.37
CA ASP A 59 26.61 -2.04 -14.75
C ASP A 59 25.85 -2.84 -13.70
N GLU A 60 26.39 -4.00 -13.29
CA GLU A 60 25.72 -4.84 -12.28
C GLU A 60 25.60 -4.06 -10.96
N PRO A 61 24.52 -4.30 -10.20
CA PRO A 61 24.34 -3.65 -8.91
C PRO A 61 25.37 -4.18 -7.91
N ARG A 62 25.83 -3.36 -7.01
CA ARG A 62 26.70 -3.82 -5.92
C ARG A 62 25.89 -4.41 -4.76
N LYS A 63 24.65 -3.99 -4.59
CA LYS A 63 23.80 -4.42 -3.55
C LYS A 63 22.45 -4.64 -4.10
N VAL A 64 21.73 -5.64 -3.62
CA VAL A 64 20.36 -5.97 -4.04
C VAL A 64 19.53 -6.29 -2.83
N LEU A 65 18.19 -6.29 -3.00
CA LEU A 65 17.27 -6.79 -2.03
C LEU A 65 16.80 -8.16 -2.42
N LEU A 66 16.85 -9.11 -1.52
CA LEU A 66 16.27 -10.44 -1.71
C LEU A 66 14.92 -10.49 -1.00
N ARG A 67 13.82 -10.82 -1.67
CA ARG A 67 12.53 -11.07 -1.04
C ARG A 67 12.23 -12.52 -1.13
N LEU A 68 12.02 -13.17 0.04
CA LEU A 68 11.61 -14.55 0.00
C LEU A 68 10.15 -14.69 0.35
N TYR A 69 9.40 -15.43 -0.46
CA TYR A 69 7.93 -15.52 -0.22
C TYR A 69 7.64 -16.30 1.08
N GLY A 70 8.40 -17.34 1.36
CA GLY A 70 8.18 -18.18 2.59
C GLY A 70 6.81 -18.85 2.61
N GLU A 96 -3.52 -17.15 -11.23
CA GLU A 96 -2.45 -17.20 -10.24
C GLU A 96 -1.91 -15.81 -9.83
N ALA A 97 -1.91 -15.66 -8.52
CA ALA A 97 -1.55 -14.41 -7.94
C ALA A 97 -0.06 -14.24 -8.17
N MET A 98 0.75 -15.30 -8.17
CA MET A 98 2.19 -15.13 -8.43
C MET A 98 2.49 -14.64 -9.85
N VAL A 99 1.77 -15.12 -10.85
CA VAL A 99 2.00 -14.63 -12.19
C VAL A 99 1.63 -13.15 -12.22
N LEU A 100 0.41 -12.78 -11.78
CA LEU A 100 -0.03 -11.42 -11.88
C LEU A 100 0.93 -10.49 -11.15
N GLU A 101 1.32 -10.80 -9.91
CA GLU A 101 2.17 -9.94 -9.15
C GLU A 101 3.54 -9.81 -9.82
N SER A 102 4.09 -10.88 -10.37
CA SER A 102 5.37 -10.85 -11.01
C SER A 102 5.34 -10.03 -12.29
N VAL A 103 4.33 -10.21 -13.11
CA VAL A 103 4.15 -9.41 -14.29
C VAL A 103 3.99 -7.92 -13.94
N MET A 104 3.18 -7.64 -12.95
CA MET A 104 2.99 -6.28 -12.51
C MET A 104 4.34 -5.67 -12.08
N PHE A 105 5.10 -6.41 -11.28
CA PHE A 105 6.34 -5.87 -10.78
C PHE A 105 7.31 -5.56 -11.93
N ALA A 106 7.39 -6.52 -12.86
CA ALA A 106 8.30 -6.36 -14.00
C ALA A 106 7.91 -5.18 -14.84
N ILE A 107 6.60 -4.96 -15.04
CA ILE A 107 6.16 -3.83 -15.85
C ILE A 107 6.43 -2.52 -15.18
N LEU A 108 6.15 -2.43 -13.90
CA LEU A 108 6.47 -1.20 -13.17
C LEU A 108 7.95 -0.88 -13.17
N ALA A 109 8.76 -1.91 -13.10
CA ALA A 109 10.20 -1.73 -13.19
C ALA A 109 10.61 -1.18 -14.55
N GLU A 110 10.10 -1.77 -15.61
CA GLU A 110 10.40 -1.27 -16.94
C GLU A 110 10.07 0.17 -17.14
N ARG A 111 8.94 0.62 -16.54
CA ARG A 111 8.44 1.96 -16.66
C ARG A 111 9.05 2.89 -15.67
N SER A 112 10.03 2.44 -14.89
CA SER A 112 10.71 3.32 -13.91
C SER A 112 9.80 3.76 -12.81
N LEU A 113 8.76 3.01 -12.54
CA LEU A 113 7.86 3.32 -11.43
C LEU A 113 8.05 2.46 -10.22
N GLY A 114 8.90 1.48 -10.30
CA GLY A 114 9.20 0.65 -9.14
C GLY A 114 10.68 0.28 -9.21
N PRO A 115 11.15 -0.44 -8.20
CA PRO A 115 12.50 -0.98 -8.20
C PRO A 115 12.69 -1.90 -9.37
N LYS A 116 13.90 -1.91 -9.89
CA LYS A 116 14.25 -2.84 -10.95
C LYS A 116 14.14 -4.26 -10.44
N LEU A 117 13.86 -5.15 -11.37
CA LEU A 117 13.75 -6.57 -11.15
C LEU A 117 14.96 -7.30 -11.72
N TYR A 118 15.77 -7.86 -10.84
CA TYR A 118 17.02 -8.49 -11.27
C TYR A 118 16.89 -9.99 -11.38
N GLY A 119 16.00 -10.63 -10.68
CA GLY A 119 15.89 -12.08 -10.75
C GLY A 119 14.55 -12.51 -10.21
N ILE A 120 13.96 -13.52 -10.82
CA ILE A 120 12.73 -14.13 -10.37
C ILE A 120 12.88 -15.64 -10.36
N PHE A 121 12.37 -16.26 -9.30
CA PHE A 121 12.54 -17.72 -9.07
C PHE A 121 11.38 -18.15 -8.14
N PRO A 122 11.16 -19.49 -8.04
CA PRO A 122 9.93 -19.83 -7.31
C PRO A 122 9.84 -19.37 -5.86
N GLN A 123 10.99 -19.26 -5.22
CA GLN A 123 11.06 -18.94 -3.81
C GLN A 123 11.09 -17.45 -3.52
N GLY A 124 11.23 -16.60 -4.53
CA GLY A 124 11.45 -15.19 -4.21
C GLY A 124 11.91 -14.38 -5.41
N ARG A 125 12.42 -13.18 -5.15
CA ARG A 125 12.93 -12.35 -6.22
C ARG A 125 14.07 -11.49 -5.71
N LEU A 126 14.88 -11.05 -6.67
CA LEU A 126 15.96 -10.10 -6.41
C LEU A 126 15.57 -8.83 -7.03
N GLU A 127 15.57 -7.78 -6.20
CA GLU A 127 15.09 -6.44 -6.55
C GLU A 127 16.20 -5.42 -6.36
N GLN A 128 16.11 -4.31 -7.08
CA GLN A 128 16.97 -3.17 -6.82
C GLN A 128 16.86 -2.71 -5.38
N PHE A 129 18.01 -2.43 -4.76
CA PHE A 129 18.06 -1.90 -3.43
C PHE A 129 18.04 -0.36 -3.49
N ILE A 130 17.02 0.23 -2.88
CA ILE A 130 16.78 1.70 -2.91
C ILE A 130 17.06 2.25 -1.54
N PRO A 131 18.20 2.93 -1.35
CA PRO A 131 18.47 3.52 -0.04
C PRO A 131 17.36 4.52 0.33
N SER A 132 16.86 4.33 1.52
CA SER A 132 15.58 5.01 1.93
C SER A 132 15.20 4.64 3.32
N ARG A 133 14.16 5.30 3.83
CA ARG A 133 13.36 4.81 4.96
C ARG A 133 11.94 4.98 4.55
N ARG A 134 11.06 4.34 5.30
CA ARG A 134 9.63 4.58 5.13
C ARG A 134 9.26 5.88 5.78
N LEU A 135 8.19 6.50 5.24
CA LEU A 135 7.59 7.62 5.93
C LEU A 135 6.94 7.21 7.24
N ASP A 136 6.91 8.14 8.16
CA ASP A 136 6.06 8.03 9.37
C ASP A 136 4.73 8.68 9.15
N THR A 137 3.71 8.27 9.90
CA THR A 137 2.37 8.79 9.69
C THR A 137 2.30 10.31 9.72
N GLU A 138 3.04 10.90 10.64
CA GLU A 138 3.03 12.34 10.79
C GLU A 138 3.56 13.09 9.60
N GLU A 139 4.32 12.44 8.74
CA GLU A 139 4.84 13.06 7.56
C GLU A 139 3.86 13.17 6.42
N LEU A 140 2.77 12.37 6.46
CA LEU A 140 1.84 12.37 5.34
C LEU A 140 1.20 13.75 5.15
N SER A 141 1.10 14.54 6.18
CA SER A 141 0.51 15.88 6.12
C SER A 141 1.41 17.01 5.80
N LEU A 142 2.69 16.74 5.67
CA LEU A 142 3.57 17.83 5.24
C LEU A 142 3.20 18.22 3.83
N PRO A 143 3.04 19.50 3.53
CA PRO A 143 2.42 19.86 2.25
C PRO A 143 3.20 19.36 1.04
N ASP A 144 4.54 19.41 1.06
CA ASP A 144 5.30 18.90 -0.03
C ASP A 144 5.26 17.39 -0.21
N ILE A 145 5.17 16.68 0.90
CA ILE A 145 5.03 15.25 0.89
C ILE A 145 3.66 14.86 0.29
N SER A 146 2.62 15.50 0.81
CA SER A 146 1.27 15.21 0.33
C SER A 146 1.14 15.48 -1.15
N ALA A 147 1.69 16.60 -1.62
CA ALA A 147 1.63 16.95 -3.04
C ALA A 147 2.32 15.92 -3.88
N GLU A 148 3.49 15.40 -3.41
CA GLU A 148 4.21 14.40 -4.18
C GLU A 148 3.47 13.04 -4.21
N ILE A 149 2.90 12.66 -3.07
CA ILE A 149 2.08 11.44 -3.05
C ILE A 149 1.00 11.57 -4.08
N ALA A 150 0.32 12.71 -4.12
CA ALA A 150 -0.74 12.88 -5.09
C ALA A 150 -0.23 12.75 -6.53
N GLU A 151 0.93 13.33 -6.82
CA GLU A 151 1.50 13.19 -8.15
C GLU A 151 1.85 11.77 -8.46
N LYS A 152 2.43 11.08 -7.51
CA LYS A 152 2.77 9.66 -7.71
C LYS A 152 1.55 8.80 -7.92
N MET A 153 0.50 9.08 -7.17
CA MET A 153 -0.72 8.34 -7.35
C MET A 153 -1.37 8.61 -8.67
N ALA A 154 -1.42 9.84 -9.10
CA ALA A 154 -1.94 10.17 -10.41
C ALA A 154 -1.14 9.43 -11.52
N THR A 155 0.16 9.33 -11.35
CA THR A 155 1.00 8.66 -12.33
C THR A 155 0.63 7.18 -12.35
N PHE A 156 0.50 6.57 -11.19
CA PHE A 156 0.18 5.13 -11.05
C PHE A 156 -1.17 4.95 -11.75
N HIS A 157 -2.15 5.89 -11.57
CA HIS A 157 -3.47 5.76 -12.11
C HIS A 157 -3.60 5.88 -13.58
N GLY A 158 -2.60 6.45 -14.22
CA GLY A 158 -2.47 6.35 -15.66
C GLY A 158 -1.90 5.05 -16.18
N MET A 159 -1.41 4.13 -15.37
CA MET A 159 -0.80 2.90 -15.92
C MET A 159 -1.89 2.14 -16.65
N LYS A 160 -1.65 1.79 -17.89
CA LYS A 160 -2.28 0.67 -18.58
C LYS A 160 -1.60 -0.64 -18.20
N MET A 161 -2.34 -1.59 -17.69
CA MET A 161 -1.84 -2.81 -17.21
C MET A 161 -2.66 -3.98 -17.73
N PRO A 162 -2.12 -5.16 -17.96
CA PRO A 162 -2.81 -6.27 -18.60
C PRO A 162 -3.76 -7.08 -17.71
N PHE A 163 -4.51 -6.36 -16.89
CA PHE A 163 -5.36 -6.95 -15.87
C PHE A 163 -6.78 -6.58 -16.10
N ASN A 164 -7.64 -7.34 -15.40
CA ASN A 164 -9.09 -7.16 -15.60
C ASN A 164 -9.49 -5.72 -15.28
N LYS A 165 -10.22 -5.06 -16.17
CA LYS A 165 -10.59 -3.66 -16.04
C LYS A 165 -11.97 -3.50 -15.41
N GLU A 166 -12.72 -4.57 -15.24
CA GLU A 166 -14.08 -4.44 -14.63
C GLU A 166 -13.83 -4.16 -13.15
N PRO A 167 -14.42 -3.09 -12.62
CA PRO A 167 -14.11 -2.67 -11.22
C PRO A 167 -14.85 -3.54 -10.18
N LYS A 168 -14.73 -4.86 -10.29
CA LYS A 168 -15.38 -5.72 -9.34
C LYS A 168 -14.62 -5.87 -8.07
N TRP A 169 -13.36 -5.42 -8.00
CA TRP A 169 -12.53 -5.64 -6.87
C TRP A 169 -13.12 -5.13 -5.55
N LEU A 170 -13.60 -3.90 -5.53
CA LEU A 170 -14.02 -3.29 -4.25
C LEU A 170 -15.17 -4.06 -3.60
N PHE A 171 -16.30 -4.10 -4.29
CA PHE A 171 -17.44 -4.80 -3.69
C PHE A 171 -17.33 -6.28 -3.78
N GLY A 172 -16.63 -6.84 -4.75
CA GLY A 172 -16.36 -8.27 -4.72
C GLY A 172 -15.59 -8.66 -3.50
N THR A 173 -14.56 -7.90 -3.15
CA THR A 173 -13.78 -8.27 -1.98
C THR A 173 -14.58 -8.03 -0.72
N MET A 174 -15.35 -6.93 -0.65
CA MET A 174 -16.19 -6.69 0.55
C MET A 174 -17.20 -7.80 0.76
N GLU A 175 -17.84 -8.24 -0.33
CA GLU A 175 -18.80 -9.37 -0.20
C GLU A 175 -18.09 -10.63 0.27
N LYS A 176 -16.94 -10.91 -0.25
CA LYS A 176 -16.17 -12.14 0.15
C LYS A 176 -15.87 -12.10 1.64
N TYR A 177 -15.36 -10.95 2.07
CA TYR A 177 -14.99 -10.82 3.48
C TYR A 177 -16.18 -10.79 4.37
N LEU A 178 -17.29 -10.24 3.95
CA LEU A 178 -18.52 -10.22 4.76
C LEU A 178 -19.04 -11.64 4.97
N LYS A 179 -19.05 -12.42 3.93
CA LYS A 179 -19.54 -13.81 4.07
C LYS A 179 -18.57 -14.56 4.98
N GLU A 180 -17.26 -14.35 4.94
CA GLU A 180 -16.31 -15.02 5.82
C GLU A 180 -16.54 -14.58 7.26
N VAL A 181 -16.70 -13.29 7.53
CA VAL A 181 -16.84 -12.76 8.87
C VAL A 181 -18.07 -13.34 9.56
N LEU A 182 -19.14 -13.51 8.77
CA LEU A 182 -20.40 -13.93 9.36
C LEU A 182 -20.27 -15.28 9.96
N ARG A 183 -19.36 -16.10 9.39
CA ARG A 183 -19.21 -17.53 9.76
C ARG A 183 -18.09 -17.75 10.78
N ILE A 184 -17.29 -16.76 11.06
CA ILE A 184 -16.24 -16.97 12.06
C ILE A 184 -16.85 -17.44 13.41
N LYS A 185 -16.16 -18.48 13.95
CA LYS A 185 -16.34 -18.98 15.28
C LYS A 185 -15.05 -18.75 16.03
N PHE A 186 -15.01 -17.70 16.85
CA PHE A 186 -13.91 -17.50 17.75
C PHE A 186 -14.09 -18.35 19.00
N THR A 187 -12.96 -18.65 19.64
CA THR A 187 -13.03 -19.40 20.89
C THR A 187 -12.70 -18.52 22.08
N GLU A 188 -12.02 -17.41 21.87
CA GLU A 188 -11.57 -16.56 22.94
C GLU A 188 -12.60 -15.49 23.22
N GLU A 189 -12.94 -15.27 24.47
CA GLU A 189 -14.05 -14.50 24.94
C GLU A 189 -14.08 -13.06 24.41
N SER A 190 -12.97 -12.37 24.51
CA SER A 190 -12.99 -10.96 24.07
C SER A 190 -13.23 -10.88 22.58
N ARG A 191 -12.68 -11.80 21.79
CA ARG A 191 -12.90 -11.80 20.37
C ARG A 191 -14.40 -12.14 20.03
N ILE A 192 -14.96 -13.10 20.76
CA ILE A 192 -16.40 -13.42 20.60
C ILE A 192 -17.27 -12.16 20.81
N LYS A 193 -17.01 -11.46 21.93
CA LYS A 193 -17.75 -10.31 22.32
C LYS A 193 -17.62 -9.15 21.29
N LYS A 194 -16.40 -8.93 20.86
CA LYS A 194 -16.10 -7.87 19.91
C LYS A 194 -16.76 -8.17 18.58
N LEU A 195 -16.70 -9.40 18.13
CA LEU A 195 -17.35 -9.75 16.90
C LEU A 195 -18.85 -9.55 16.96
N HIS A 196 -19.48 -10.01 18.06
CA HIS A 196 -20.90 -9.79 18.22
C HIS A 196 -21.29 -8.32 18.11
N LYS A 197 -20.49 -7.45 18.69
CA LYS A 197 -20.74 -6.04 18.61
C LYS A 197 -20.63 -5.52 17.13
N LEU A 198 -19.57 -5.94 16.42
CA LEU A 198 -19.41 -5.47 15.04
C LEU A 198 -20.52 -5.99 14.15
N LEU A 199 -20.94 -7.24 14.37
CA LEU A 199 -21.98 -7.79 13.52
C LEU A 199 -23.36 -7.26 13.85
N SER A 200 -23.52 -6.56 14.98
CA SER A 200 -24.79 -6.05 15.38
C SER A 200 -25.26 -4.92 14.56
N TYR A 201 -24.39 -4.33 13.73
CA TYR A 201 -24.79 -3.23 12.88
C TYR A 201 -25.61 -3.63 11.66
N ASN A 202 -25.81 -4.91 11.37
CA ASN A 202 -26.54 -5.36 10.16
C ASN A 202 -25.66 -5.01 8.97
N LEU A 203 -24.59 -5.77 8.87
CA LEU A 203 -23.58 -5.51 7.85
C LEU A 203 -24.08 -5.79 6.45
N PRO A 204 -24.95 -6.76 6.20
CA PRO A 204 -25.47 -6.93 4.82
C PRO A 204 -26.16 -5.69 4.32
N LEU A 205 -27.01 -5.09 5.16
CA LEU A 205 -27.78 -3.87 4.81
C LEU A 205 -26.84 -2.72 4.71
N GLU A 206 -25.91 -2.59 5.64
CA GLU A 206 -25.02 -1.45 5.54
C GLU A 206 -24.20 -1.53 4.26
N LEU A 207 -23.75 -2.69 3.85
CA LEU A 207 -22.97 -2.85 2.60
C LEU A 207 -23.80 -2.36 1.44
N GLU A 208 -25.09 -2.73 1.42
CA GLU A 208 -25.91 -2.25 0.30
C GLU A 208 -26.23 -0.80 0.36
N ASN A 209 -26.33 -0.20 1.53
CA ASN A 209 -26.45 1.24 1.64
C ASN A 209 -25.21 1.89 1.06
N LEU A 210 -24.04 1.34 1.34
CA LEU A 210 -22.80 1.88 0.79
C LEU A 210 -22.76 1.68 -0.71
N ARG A 211 -23.14 0.54 -1.20
CA ARG A 211 -23.19 0.31 -2.65
C ARG A 211 -24.10 1.35 -3.26
N SER A 212 -25.26 1.63 -2.69
CA SER A 212 -26.16 2.59 -3.32
C SER A 212 -25.54 3.96 -3.37
N LEU A 213 -24.86 4.37 -2.33
CA LEU A 213 -24.25 5.66 -2.30
C LEU A 213 -23.16 5.73 -3.38
N LEU A 214 -22.33 4.70 -3.49
CA LEU A 214 -21.19 4.75 -4.42
C LEU A 214 -21.61 4.59 -5.85
N GLU A 215 -22.72 3.88 -6.12
CA GLU A 215 -23.32 3.83 -7.46
C GLU A 215 -23.71 5.19 -7.93
N SER A 216 -24.03 6.12 -7.05
N SER A 216 -24.02 6.09 -7.04
CA SER A 216 -24.36 7.52 -7.46
CA SER A 216 -24.42 7.44 -7.42
C SER A 216 -23.23 8.51 -7.22
C SER A 216 -23.26 8.45 -7.43
N THR A 217 -22.01 7.94 -7.21
CA THR A 217 -20.84 8.80 -7.04
C THR A 217 -19.87 8.48 -8.17
N PRO A 218 -19.84 9.27 -9.26
CA PRO A 218 -19.01 8.91 -10.39
C PRO A 218 -17.52 8.94 -9.97
N SER A 219 -16.79 7.94 -10.44
CA SER A 219 -15.36 7.83 -10.14
C SER A 219 -14.75 6.96 -11.24
N PRO A 220 -13.75 7.49 -11.96
CA PRO A 220 -13.18 6.71 -13.02
C PRO A 220 -12.48 5.47 -12.53
N VAL A 221 -12.50 4.42 -13.31
CA VAL A 221 -11.75 3.21 -13.05
C VAL A 221 -10.32 3.35 -13.52
N VAL A 222 -9.38 3.15 -12.63
CA VAL A 222 -7.95 3.39 -12.88
C VAL A 222 -7.24 2.29 -12.19
N PHE A 223 -5.94 2.15 -12.49
CA PHE A 223 -5.12 1.19 -11.83
C PHE A 223 -4.72 1.75 -10.52
N CYS A 224 -5.26 1.14 -9.46
CA CYS A 224 -5.09 1.58 -8.07
C CYS A 224 -4.06 0.79 -7.33
N HIS A 225 -3.35 1.45 -6.42
CA HIS A 225 -2.44 0.81 -5.51
C HIS A 225 -3.13 0.03 -4.42
N ASN A 226 -4.22 0.65 -3.90
CA ASN A 226 -5.09 0.11 -2.86
C ASN A 226 -4.51 0.05 -1.46
N ASP A 227 -3.29 0.58 -1.26
CA ASP A 227 -2.64 0.52 0.05
C ASP A 227 -1.65 1.63 0.18
N CYS A 228 -2.07 2.84 -0.11
N CYS A 228 -2.05 2.84 -0.15
CA CYS A 228 -1.17 3.99 -0.08
CA CYS A 228 -1.17 3.99 -0.03
C CYS A 228 -1.00 4.60 1.32
C CYS A 228 -1.15 4.51 1.37
N GLN A 229 -0.32 3.86 2.18
CA GLN A 229 -0.11 4.17 3.61
C GLN A 229 1.44 4.50 3.65
N GLU A 230 1.85 5.15 4.72
CA GLU A 230 3.22 5.55 4.93
C GLU A 230 4.20 4.40 4.87
N GLY A 231 3.81 3.23 5.32
CA GLY A 231 4.72 2.05 5.26
C GLY A 231 5.07 1.59 3.87
N ASN A 232 4.33 2.04 2.87
CA ASN A 232 4.57 1.74 1.47
C ASN A 232 5.15 2.90 0.70
N ILE A 233 5.62 3.92 1.41
CA ILE A 233 6.16 5.08 0.71
C ILE A 233 7.59 5.27 1.19
N LEU A 234 8.53 5.18 0.26
CA LEU A 234 9.93 5.40 0.59
C LEU A 234 10.30 6.88 0.49
N LEU A 235 11.02 7.38 1.50
CA LEU A 235 11.71 8.67 1.48
C LEU A 235 13.14 8.39 1.03
N LEU A 236 13.45 8.88 -0.16
CA LEU A 236 14.74 8.49 -0.83
C LEU A 236 15.91 9.14 -0.15
N GLU A 237 16.93 8.33 0.16
CA GLU A 237 18.10 8.86 0.85
C GLU A 237 18.80 9.90 -0.01
N GLY A 238 19.12 10.99 0.65
CA GLY A 238 19.71 12.10 -0.02
C GLY A 238 18.83 13.07 -0.68
N ARG A 239 17.52 12.78 -0.85
CA ARG A 239 16.51 13.70 -1.39
C ARG A 239 15.64 14.34 -0.29
N GLU A 240 15.97 14.16 0.96
CA GLU A 240 15.05 14.59 2.08
C GLU A 240 14.85 16.09 2.10
N ASN A 241 15.76 16.85 1.59
CA ASN A 241 15.57 18.32 1.53
C ASN A 241 15.24 18.82 0.16
N SER A 242 14.94 17.94 -0.81
CA SER A 242 14.63 18.31 -2.11
C SER A 242 13.11 18.72 -2.19
N GLU A 243 12.87 19.57 -3.13
CA GLU A 243 11.54 20.16 -3.34
C GLU A 243 10.55 19.07 -3.76
N LYS A 244 10.99 18.25 -4.68
CA LYS A 244 10.14 17.30 -5.44
C LYS A 244 10.94 15.99 -5.54
N GLN A 245 10.28 14.97 -6.02
CA GLN A 245 10.89 13.71 -6.38
C GLN A 245 11.74 13.20 -5.24
N LYS A 246 11.18 13.14 -4.05
CA LYS A 246 11.83 12.54 -2.95
C LYS A 246 11.23 11.29 -2.43
N LEU A 247 10.19 10.83 -3.10
CA LEU A 247 9.46 9.62 -2.66
C LEU A 247 9.39 8.58 -3.71
N MET A 248 9.12 7.36 -3.29
CA MET A 248 8.76 6.25 -4.20
C MET A 248 7.63 5.47 -3.54
N LEU A 249 6.54 5.24 -4.28
CA LEU A 249 5.50 4.37 -3.84
C LEU A 249 5.88 2.91 -4.16
N ILE A 250 5.83 2.00 -3.22
CA ILE A 250 6.23 0.63 -3.40
C ILE A 250 5.17 -0.34 -2.93
N ASP A 251 5.38 -1.64 -2.99
CA ASP A 251 4.52 -2.63 -2.41
C ASP A 251 3.15 -2.62 -3.10
N PHE A 252 3.15 -2.93 -4.36
CA PHE A 252 2.05 -2.94 -5.27
C PHE A 252 1.22 -4.20 -5.25
N GLU A 253 1.46 -5.11 -4.33
CA GLU A 253 0.86 -6.44 -4.45
C GLU A 253 -0.64 -6.52 -4.38
N TYR A 254 -1.30 -5.49 -3.80
CA TYR A 254 -2.76 -5.43 -3.72
C TYR A 254 -3.40 -4.57 -4.80
N SER A 255 -2.56 -4.07 -5.67
CA SER A 255 -3.11 -3.24 -6.83
CA SER A 255 -3.07 -3.22 -6.81
C SER A 255 -4.11 -4.02 -7.82
N SER A 256 -5.02 -3.17 -8.26
CA SER A 256 -6.06 -3.70 -9.12
C SER A 256 -6.72 -2.55 -9.81
N TYR A 257 -7.40 -2.76 -10.95
CA TYR A 257 -8.31 -1.74 -11.46
C TYR A 257 -9.44 -1.53 -10.47
N ASN A 258 -9.67 -0.30 -10.12
CA ASN A 258 -10.62 0.01 -9.03
C ASN A 258 -10.98 1.48 -9.24
N TYR A 259 -11.96 1.98 -8.44
CA TYR A 259 -12.39 3.34 -8.52
C TYR A 259 -11.31 4.23 -7.97
N ARG A 260 -10.99 5.30 -8.69
CA ARG A 260 -10.01 6.28 -8.27
C ARG A 260 -10.31 6.79 -6.86
N GLY A 261 -11.57 7.03 -6.60
CA GLY A 261 -12.00 7.57 -5.34
C GLY A 261 -11.54 6.71 -4.18
N PHE A 262 -11.55 5.38 -4.36
CA PHE A 262 -11.06 4.48 -3.29
C PHE A 262 -9.61 4.73 -2.97
N ASP A 263 -8.78 4.85 -3.99
CA ASP A 263 -7.34 4.96 -3.69
C ASP A 263 -7.05 6.25 -2.92
N ILE A 264 -7.70 7.35 -3.36
CA ILE A 264 -7.46 8.63 -2.73
C ILE A 264 -8.10 8.62 -1.30
N GLY A 265 -9.34 8.21 -1.22
CA GLY A 265 -10.01 8.16 0.08
C GLY A 265 -9.32 7.26 1.06
N ASN A 266 -8.83 6.13 0.59
CA ASN A 266 -8.02 5.23 1.44
C ASN A 266 -6.77 5.90 1.94
N HIS A 267 -6.07 6.63 1.07
CA HIS A 267 -4.93 7.37 1.53
C HIS A 267 -5.28 8.35 2.66
N PHE A 268 -6.37 9.08 2.44
CA PHE A 268 -6.78 10.05 3.46
C PHE A 268 -7.07 9.38 4.79
N CYS A 269 -7.76 8.24 4.72
CA CYS A 269 -8.00 7.47 5.93
C CYS A 269 -6.73 7.14 6.69
N GLU A 270 -5.66 6.81 5.95
CA GLU A 270 -4.42 6.40 6.56
C GLU A 270 -3.76 7.52 7.36
N TRP A 271 -4.17 8.77 7.20
CA TRP A 271 -3.70 9.81 8.09
C TRP A 271 -4.05 9.57 9.54
N MET A 272 -5.13 8.84 9.77
CA MET A 272 -5.64 8.60 11.15
C MET A 272 -4.99 7.52 11.91
N TYR A 273 -4.20 6.69 11.28
CA TYR A 273 -3.70 5.46 11.90
C TYR A 273 -2.19 5.43 11.92
N ASP A 274 -1.62 5.11 13.09
CA ASP A 274 -0.18 4.97 13.26
C ASP A 274 0.09 3.58 13.68
N TYR A 275 0.77 2.81 12.86
CA TYR A 275 1.03 1.40 13.09
C TYR A 275 2.36 1.13 13.81
N SER A 276 2.97 2.20 14.30
CA SER A 276 4.28 2.06 15.01
C SER A 276 4.10 2.07 16.51
N TYR A 277 2.90 2.13 17.03
CA TYR A 277 2.63 2.14 18.48
C TYR A 277 3.12 0.87 19.14
N GLU A 278 3.93 0.95 20.22
CA GLU A 278 4.78 -0.20 20.59
C GLU A 278 4.16 -1.12 21.61
N LYS A 279 2.97 -0.77 22.04
CA LYS A 279 2.21 -1.70 22.86
C LYS A 279 0.89 -2.08 22.24
N TYR A 280 0.26 -3.10 22.80
CA TYR A 280 -1.07 -3.50 22.39
C TYR A 280 -2.00 -2.33 22.42
N PRO A 281 -2.87 -2.13 21.37
CA PRO A 281 -3.08 -2.99 20.22
C PRO A 281 -2.14 -2.83 18.99
N PHE A 282 -1.02 -2.10 19.14
CA PHE A 282 0.03 -1.97 18.13
C PHE A 282 -0.39 -0.98 17.01
N PHE A 283 -1.39 -0.22 17.31
CA PHE A 283 -1.70 0.99 16.52
C PHE A 283 -2.32 2.03 17.39
N ARG A 284 -2.29 3.31 16.93
CA ARG A 284 -3.00 4.38 17.46
C ARG A 284 -3.95 4.95 16.41
N ALA A 285 -5.15 5.36 16.78
CA ALA A 285 -6.16 5.89 15.85
C ALA A 285 -6.57 7.24 16.36
N ASN A 286 -6.77 8.22 15.51
CA ASN A 286 -7.17 9.56 15.91
C ASN A 286 -8.01 10.12 14.81
N ILE A 287 -9.32 10.19 15.02
CA ILE A 287 -10.27 10.72 14.09
C ILE A 287 -9.94 12.16 13.68
N ARG A 288 -9.32 12.92 14.61
CA ARG A 288 -9.02 14.29 14.32
C ARG A 288 -7.85 14.50 13.39
N LYS A 289 -7.19 13.41 13.00
CA LYS A 289 -6.04 13.53 12.10
C LYS A 289 -6.43 13.31 10.64
N TYR A 290 -7.69 13.05 10.37
CA TYR A 290 -8.11 13.00 8.97
C TYR A 290 -7.81 14.34 8.32
N PRO A 291 -7.40 14.39 7.06
CA PRO A 291 -7.07 15.71 6.46
C PRO A 291 -8.30 16.62 6.47
N THR A 292 -8.02 17.90 6.76
CA THR A 292 -9.08 18.88 6.62
C THR A 292 -9.41 19.08 5.17
N LYS A 293 -10.55 19.67 4.83
CA LYS A 293 -10.84 19.89 3.41
C LYS A 293 -9.74 20.74 2.75
N LYS A 294 -9.17 21.71 3.50
CA LYS A 294 -8.07 22.48 2.95
C LYS A 294 -6.87 21.59 2.52
N GLN A 295 -6.52 20.68 3.42
CA GLN A 295 -5.44 19.70 3.11
C GLN A 295 -5.84 18.81 1.94
N GLN A 296 -7.07 18.40 1.87
CA GLN A 296 -7.53 17.58 0.78
C GLN A 296 -7.45 18.34 -0.51
N LEU A 297 -7.84 19.63 -0.52
CA LEU A 297 -7.72 20.45 -1.72
C LEU A 297 -6.30 20.58 -2.15
N HIS A 298 -5.35 20.67 -1.24
CA HIS A 298 -3.98 20.72 -1.62
C HIS A 298 -3.53 19.46 -2.36
N PHE A 299 -3.91 18.31 -1.82
CA PHE A 299 -3.62 17.02 -2.41
C PHE A 299 -4.24 16.94 -3.80
N ILE A 300 -5.54 17.27 -3.91
CA ILE A 300 -6.26 17.20 -5.16
C ILE A 300 -5.69 18.12 -6.21
N SER A 301 -5.21 19.28 -5.75
CA SER A 301 -4.67 20.26 -6.68
C SER A 301 -3.35 19.80 -7.29
N SER A 302 -2.66 19.02 -6.53
CA SER A 302 -1.44 18.29 -7.21
CA SER A 302 -1.56 18.32 -7.11
C SER A 302 -1.78 17.02 -8.09
N TYR A 303 -2.81 16.31 -7.61
CA TYR A 303 -3.25 15.11 -8.34
C TYR A 303 -3.73 15.47 -9.73
N LEU A 304 -4.65 16.40 -9.82
CA LEU A 304 -5.34 16.66 -11.07
C LEU A 304 -4.45 17.07 -12.25
N PRO A 305 -3.54 17.96 -12.12
CA PRO A 305 -2.66 18.24 -13.31
C PRO A 305 -1.67 17.12 -13.59
N ALA A 306 -1.42 16.24 -12.64
CA ALA A 306 -0.57 15.10 -12.91
C ALA A 306 -1.34 14.05 -13.63
N PHE A 307 -2.67 13.97 -13.51
CA PHE A 307 -3.58 12.96 -14.12
C PHE A 307 -4.15 13.41 -15.46
N GLN A 308 -4.21 14.72 -15.70
CA GLN A 308 -4.83 15.31 -16.97
C GLN A 308 -3.93 16.52 -17.18
N ASN A 309 -2.87 16.49 -17.99
CA ASN A 309 -1.86 17.56 -17.87
C ASN A 309 -2.31 18.97 -18.36
N ASP A 310 -3.31 19.05 -19.22
CA ASP A 310 -3.89 20.41 -19.52
C ASP A 310 -4.94 20.90 -18.55
N PHE A 311 -5.12 20.21 -17.43
CA PHE A 311 -5.91 20.74 -16.37
C PHE A 311 -5.63 22.20 -15.99
N GLU A 312 -4.36 22.58 -16.00
CA GLU A 312 -3.97 23.93 -15.62
C GLU A 312 -4.56 24.99 -16.53
N ASN A 313 -4.88 24.60 -17.75
CA ASN A 313 -5.43 25.53 -18.71
C ASN A 313 -6.92 25.77 -18.67
N LEU A 314 -7.63 25.06 -17.80
CA LEU A 314 -9.02 25.28 -17.59
C LEU A 314 -9.30 26.56 -16.78
N SER A 315 -10.50 27.06 -16.86
CA SER A 315 -10.84 28.24 -16.08
C SER A 315 -10.80 27.94 -14.60
N THR A 316 -10.69 29.01 -13.84
CA THR A 316 -10.79 28.86 -12.39
C THR A 316 -12.09 28.24 -11.98
N GLU A 317 -13.22 28.61 -12.56
CA GLU A 317 -14.46 28.08 -12.17
C GLU A 317 -14.54 26.57 -12.55
N GLU A 318 -13.98 26.19 -13.72
CA GLU A 318 -14.08 24.77 -14.03
C GLU A 318 -13.16 23.92 -13.13
N LYS A 319 -11.98 24.43 -12.86
CA LYS A 319 -11.11 23.79 -11.89
C LYS A 319 -11.84 23.65 -10.55
N SER A 320 -12.58 24.68 -10.16
CA SER A 320 -13.26 24.68 -8.90
C SER A 320 -14.35 23.60 -8.85
N ILE A 321 -15.13 23.43 -9.92
CA ILE A 321 -16.18 22.42 -9.87
C ILE A 321 -15.53 21.04 -9.87
N ILE A 322 -14.49 20.83 -10.65
CA ILE A 322 -13.82 19.51 -10.67
C ILE A 322 -13.30 19.19 -9.30
N LYS A 323 -12.69 20.14 -8.62
CA LYS A 323 -12.19 19.89 -7.28
C LYS A 323 -13.29 19.63 -6.28
N GLU A 324 -14.38 20.41 -6.31
CA GLU A 324 -15.48 20.14 -5.41
C GLU A 324 -16.09 18.79 -5.66
N GLU A 325 -16.27 18.35 -6.89
CA GLU A 325 -16.80 17.04 -7.21
C GLU A 325 -15.84 15.97 -6.71
N MET A 326 -14.57 16.19 -6.85
CA MET A 326 -13.60 15.20 -6.34
C MET A 326 -13.63 15.15 -4.81
N LEU A 327 -13.75 16.24 -4.11
CA LEU A 327 -13.86 16.19 -2.62
C LEU A 327 -15.02 15.27 -2.25
N LEU A 328 -16.17 15.43 -2.87
CA LEU A 328 -17.30 14.56 -2.52
C LEU A 328 -17.02 13.12 -2.89
N GLU A 329 -16.46 12.86 -4.07
CA GLU A 329 -16.13 11.57 -4.55
C GLU A 329 -15.21 10.85 -3.55
N VAL A 330 -14.11 11.47 -3.16
CA VAL A 330 -13.07 10.77 -2.35
C VAL A 330 -13.59 10.58 -0.93
N ASN A 331 -14.36 11.54 -0.38
CA ASN A 331 -14.86 11.37 0.97
C ASN A 331 -15.93 10.32 1.06
N ARG A 332 -16.75 10.13 0.07
CA ARG A 332 -17.68 9.04 0.00
C ARG A 332 -16.96 7.72 -0.12
N PHE A 333 -15.96 7.64 -1.00
CA PHE A 333 -15.22 6.41 -1.15
C PHE A 333 -14.37 6.09 0.07
N ALA A 334 -13.98 7.09 0.84
CA ALA A 334 -13.33 6.80 2.11
C ALA A 334 -14.17 5.87 3.01
N LEU A 335 -15.51 5.98 2.91
CA LEU A 335 -16.36 5.02 3.63
C LEU A 335 -16.06 3.58 3.27
N ALA A 336 -15.79 3.33 2.00
CA ALA A 336 -15.43 1.97 1.57
C ALA A 336 -14.05 1.50 2.08
N SER A 337 -13.13 2.43 2.26
CA SER A 337 -11.89 2.05 2.95
C SER A 337 -12.18 1.55 4.34
N HIS A 338 -12.99 2.28 5.09
CA HIS A 338 -13.30 1.84 6.44
C HIS A 338 -14.01 0.50 6.43
N PHE A 339 -15.01 0.33 5.58
CA PHE A 339 -15.79 -0.86 5.60
C PHE A 339 -14.97 -2.05 5.17
N LEU A 340 -14.25 -1.91 4.06
CA LEU A 340 -13.44 -3.02 3.56
C LEU A 340 -12.37 -3.41 4.53
N TRP A 341 -11.61 -2.44 5.03
CA TRP A 341 -10.50 -2.82 5.93
C TRP A 341 -10.97 -3.18 7.29
N GLY A 342 -12.14 -2.72 7.71
CA GLY A 342 -12.77 -3.25 8.94
C GLY A 342 -13.09 -4.70 8.78
N LEU A 343 -13.69 -5.07 7.70
CA LEU A 343 -14.01 -6.50 7.46
C LEU A 343 -12.72 -7.30 7.34
N TRP A 344 -11.77 -6.81 6.58
CA TRP A 344 -10.44 -7.49 6.47
C TRP A 344 -9.89 -7.73 7.80
N SER A 345 -9.93 -6.77 8.72
N SER A 345 -9.92 -6.77 8.71
CA SER A 345 -9.24 -6.91 9.99
CA SER A 345 -9.26 -6.92 9.99
C SER A 345 -9.93 -7.96 10.86
C SER A 345 -9.92 -8.02 10.78
N ILE A 346 -11.24 -8.12 10.71
CA ILE A 346 -11.94 -9.20 11.44
C ILE A 346 -11.41 -10.51 10.87
N VAL A 347 -11.31 -10.66 9.57
CA VAL A 347 -10.80 -11.91 8.97
C VAL A 347 -9.40 -12.14 9.48
N GLN A 348 -8.53 -11.15 9.53
CA GLN A 348 -7.20 -11.34 10.06
C GLN A 348 -7.24 -11.76 11.50
N ALA A 349 -8.15 -11.27 12.31
CA ALA A 349 -8.24 -11.73 13.73
C ALA A 349 -8.46 -13.20 13.74
N LYS A 350 -9.14 -13.77 12.78
CA LYS A 350 -9.32 -15.22 12.70
C LYS A 350 -8.07 -15.94 12.12
N ILE A 351 -7.48 -15.46 11.04
CA ILE A 351 -6.50 -16.21 10.23
C ILE A 351 -5.07 -15.76 10.37
N SER A 352 -4.79 -14.61 10.92
CA SER A 352 -3.41 -14.06 10.90
C SER A 352 -2.58 -14.81 11.88
N SER A 353 -1.25 -14.72 11.62
CA SER A 353 -0.24 -15.20 12.55
C SER A 353 0.67 -14.04 13.05
N ILE A 354 0.25 -12.78 12.84
CA ILE A 354 0.94 -11.59 13.33
C ILE A 354 0.30 -11.05 14.58
N GLU A 355 1.06 -10.72 15.57
CA GLU A 355 0.57 -10.14 16.76
C GLU A 355 0.18 -8.66 16.48
N PHE A 356 -1.12 -8.36 16.55
CA PHE A 356 -1.65 -7.02 16.17
C PHE A 356 -3.09 -7.07 16.70
N GLY A 357 -3.62 -5.97 17.22
CA GLY A 357 -4.95 -5.91 17.74
C GLY A 357 -6.04 -5.75 16.66
N TYR A 358 -6.21 -6.80 15.89
CA TYR A 358 -7.12 -6.82 14.73
C TYR A 358 -8.51 -6.47 15.07
N MET A 359 -9.06 -6.98 16.16
CA MET A 359 -10.46 -6.67 16.52
C MET A 359 -10.66 -5.22 16.92
N ASP A 360 -9.68 -4.68 17.66
CA ASP A 360 -9.70 -3.31 18.05
C ASP A 360 -9.55 -2.38 16.79
N TYR A 361 -8.72 -2.83 15.87
CA TYR A 361 -8.56 -2.06 14.62
C TYR A 361 -9.87 -2.08 13.82
N ALA A 362 -10.53 -3.22 13.74
CA ALA A 362 -11.83 -3.29 13.07
C ALA A 362 -12.80 -2.34 13.71
N GLN A 363 -12.83 -2.27 15.04
CA GLN A 363 -13.73 -1.36 15.66
C GLN A 363 -13.39 0.10 15.40
N ALA A 364 -12.10 0.39 15.33
CA ALA A 364 -11.70 1.75 14.97
C ALA A 364 -12.19 2.14 13.58
N ARG A 365 -12.06 1.20 12.63
CA ARG A 365 -12.53 1.47 11.29
C ARG A 365 -14.03 1.67 11.19
N PHE A 366 -14.79 0.80 11.88
CA PHE A 366 -16.23 1.00 11.90
C PHE A 366 -16.68 2.27 12.62
N ASP A 367 -15.95 2.61 13.68
CA ASP A 367 -16.26 3.86 14.38
C ASP A 367 -16.06 5.04 13.43
N ALA A 368 -14.96 5.00 12.69
CA ALA A 368 -14.71 6.06 11.71
C ALA A 368 -15.69 6.07 10.56
N TYR A 369 -16.16 4.88 10.13
CA TYR A 369 -17.21 4.74 9.10
C TYR A 369 -18.48 5.51 9.51
N PHE A 370 -18.93 5.23 10.73
CA PHE A 370 -20.18 5.95 11.15
C PHE A 370 -19.91 7.44 11.43
N HIS A 371 -18.75 7.79 11.90
CA HIS A 371 -18.35 9.22 12.10
C HIS A 371 -18.42 9.93 10.77
N GLN A 372 -17.80 9.36 9.75
CA GLN A 372 -17.81 9.97 8.42
C GLN A 372 -19.16 10.00 7.81
N LYS A 373 -19.93 8.95 7.98
CA LYS A 373 -21.32 9.00 7.54
C LYS A 373 -22.04 10.14 8.22
N ARG A 374 -21.86 10.37 9.48
CA ARG A 374 -22.54 11.54 10.26
C ARG A 374 -22.07 12.82 9.61
N LYS A 375 -20.80 12.94 9.33
CA LYS A 375 -20.28 14.20 8.79
C LYS A 375 -20.79 14.45 7.41
N LEU A 376 -20.94 13.44 6.57
CA LEU A 376 -21.38 13.57 5.21
C LEU A 376 -22.90 13.83 5.11
N GLY A 377 -23.62 13.39 6.13
CA GLY A 377 -25.11 13.47 6.08
C GLY A 377 -25.68 12.31 5.28
N VAL A 378 -25.00 11.15 5.31
CA VAL A 378 -25.37 10.02 4.49
C VAL A 378 -25.55 8.75 5.33
CAQ NBR B . 6.43 -3.53 20.01
NAP NBR B . 6.40 -4.95 19.57
CAT NBR B . 7.22 -6.00 20.21
CAM NBR B . 5.73 -5.30 18.46
CAN NBR B . 6.16 -4.81 17.21
CAO NBR B . 5.51 -5.19 16.03
CAL NBR B . 4.65 -6.20 18.53
CAK NBR B . 3.99 -6.58 17.36
NAJ NBR B . 4.41 -6.06 16.11
CAA NBR B . 3.77 -6.48 14.88
CAU NBR B . 3.27 -5.50 13.99
CAZ NBR B . 2.68 -4.33 14.43
CAY NBR B . 2.11 -3.42 13.52
CAV NBR B . 3.31 -5.78 12.64
CAW NBR B . 2.77 -4.87 11.72
CAX NBR B . 2.17 -3.68 12.16
OBA NBR B . 1.61 -2.72 11.27
CBB NBR B . 1.66 -3.02 9.89
CBC NBR B . 0.55 -2.20 9.22
OBD NBR B . -0.73 -2.71 9.72
CBE NBR B . -1.84 -2.21 8.97
CBJ NBR B . -1.69 -1.41 7.87
CBI NBR B . -2.84 -1.02 7.20
CBF NBR B . -3.06 -2.68 9.39
CBG NBR B . -4.24 -2.29 8.70
CBH NBR B . -4.11 -1.47 7.60
CAB NBR B . -5.28 -1.03 6.80
NAC NBR B . -5.25 -1.83 5.56
CAD NBR B . -5.46 -3.23 5.56
CAE NBR B . -5.35 -4.00 4.46
CAF NBR B . -4.98 -3.49 3.19
NAI NBR B . -4.82 -4.22 2.09
CAS NBR B . -4.43 -3.70 0.83
CAR NBR B . -4.89 -5.73 2.16
CAG NBR B . -4.85 -2.09 3.18
CAH NBR B . -4.96 -1.34 4.28
C1 EDO C . -1.03 12.76 9.01
O1 EDO C . 0.34 13.27 8.83
C2 EDO C . -1.70 13.17 10.27
O2 EDO C . -0.81 12.97 11.35
C1 EDO D . -3.21 16.96 10.10
O1 EDO D . -2.50 18.24 10.08
C2 EDO D . -4.65 17.03 10.69
O2 EDO D . -5.75 17.19 9.72
C1 EDO E . -2.03 9.06 15.93
O1 EDO E . -1.90 10.40 15.45
C2 EDO E . -2.73 8.37 14.81
O2 EDO E . -2.43 9.10 13.55
C1 EDO F . 26.37 -23.78 -3.28
O1 EDO F . 27.26 -22.88 -2.98
C2 EDO F . 26.72 -25.18 -3.37
O2 EDO F . 25.45 -25.42 -3.17
C1 EDO G . 25.20 -6.82 4.22
O1 EDO G . 24.60 -5.81 5.03
C2 EDO G . 24.69 -6.75 2.79
O2 EDO G . 24.56 -5.42 2.30
C1 EDO H . 9.33 -18.90 -11.18
O1 EDO H . 10.05 -17.87 -11.81
C2 EDO H . 8.31 -18.40 -10.24
O2 EDO H . 7.45 -19.52 -9.99
C1 EDO I . -18.42 4.93 -9.59
O1 EDO I . -18.81 4.36 -8.34
C2 EDO I . -19.39 4.44 -10.61
O2 EDO I . -20.67 4.93 -10.20
C1 EDO J . -1.70 -3.99 4.35
O1 EDO J . -0.39 -3.53 3.95
C2 EDO J . -1.65 -4.55 5.75
O2 EDO J . -2.48 -3.87 6.67
C1 EDO K . -10.62 6.48 14.12
O1 EDO K . -10.70 5.18 13.56
C2 EDO K . -11.02 6.47 15.56
O2 EDO K . -12.34 5.90 15.64
C1 EDO L . -13.24 11.09 9.10
O1 EDO L . -14.65 11.31 9.37
C2 EDO L . -12.98 9.86 8.19
O2 EDO L . -13.41 8.79 8.97
#